data_4RIL
# 
_entry.id   4RIL 
# 
_audit_conform.dict_name       mmcif_pdbx.dic 
_audit_conform.dict_version    5.379 
_audit_conform.dict_location   http://mmcif.pdb.org/dictionaries/ascii/mmcif_pdbx.dic 
# 
loop_
_database_2.database_id 
_database_2.database_code 
_database_2.pdbx_database_accession 
_database_2.pdbx_DOI 
PDB   4RIL         pdb_00004ril 10.2210/pdb4ril/pdb 
RCSB  RCSB087390   ?            ?                   
WWPDB D_1000087390 ?            ?                   
# 
_pdbx_database_related.db_name        EMDB 
_pdbx_database_related.db_id          EMD-3028 
_pdbx_database_related.details        . 
_pdbx_database_related.content_type   'associated EM volume' 
# 
_pdbx_database_status.entry_id                        4RIL 
_pdbx_database_status.status_code                     REL 
_pdbx_database_status.deposit_site                    RCSB 
_pdbx_database_status.process_site                    RCSB 
_pdbx_database_status.recvd_initial_deposition_date   2014-10-06 
_pdbx_database_status.status_code_sf                  REL 
_pdbx_database_status.status_code_mr                  ? 
_pdbx_database_status.SG_entry                        ? 
_pdbx_database_status.status_code_cs                  ? 
_pdbx_database_status.methods_development_category    ? 
_pdbx_database_status.pdb_format_compatible           Y 
_pdbx_database_status.status_code_nmr_data            ? 
# 
loop_
_audit_author.name 
_audit_author.pdbx_ordinal 
'Rodriguez, J.A.'   1  
'Ivanova, M.'       2  
'Sawaya, M.R.'      3  
'Cascio, D.'        4  
'Reyes, F.'         5  
'Shi, D.'           6  
'Johnson, L.'       7  
'Guenther, E.'      8  
'Sangwan, S.'       9  
'Hattne, J.'        10 
'Nannenga, B.'      11 
'Brewster, A.S.'    12 
'Messerschmidt, M.' 13 
'Boutet, S.'        14 
'Sauter, N.K.'      15 
'Gonen, T.'         16 
'Eisenberg, D.S.'   17 
# 
_citation.id                        primary 
_citation.title                     'Structure of the toxic core of alpha-synuclein from invisible crystals.' 
_citation.journal_abbrev            Nature 
_citation.journal_volume            525 
_citation.page_first                486 
_citation.page_last                 490 
_citation.year                      2015 
_citation.journal_id_ASTM           NATUAS 
_citation.country                   UK 
_citation.journal_id_ISSN           0028-0836 
_citation.journal_id_CSD            0006 
_citation.book_publisher            ? 
_citation.pdbx_database_id_PubMed   26352473 
_citation.pdbx_database_id_DOI      10.1038/nature15368 
# 
loop_
_citation_author.citation_id 
_citation_author.name 
_citation_author.ordinal 
_citation_author.identifier_ORCID 
primary 'Rodriguez, J.A.'   1  ? 
primary 'Ivanova, M.I.'     2  ? 
primary 'Sawaya, M.R.'      3  ? 
primary 'Cascio, D.'        4  ? 
primary 'Reyes, F.E.'       5  ? 
primary 'Shi, D.'           6  ? 
primary 'Sangwan, S.'       7  ? 
primary 'Guenther, E.L.'    8  ? 
primary 'Johnson, L.M.'     9  ? 
primary 'Zhang, M.'         10 ? 
primary 'Jiang, L.'         11 ? 
primary 'Arbing, M.A.'      12 ? 
primary 'Nannenga, B.L.'    13 ? 
primary 'Hattne, J.'        14 ? 
primary 'Whitelegge, J.'    15 ? 
primary 'Brewster, A.S.'    16 ? 
primary 'Messerschmidt, M.' 17 ? 
primary 'Boutet, S.'        18 ? 
primary 'Sauter, N.K.'      19 ? 
primary 'Gonen, T.'         20 ? 
primary 'Eisenberg, D.S.'   21 ? 
# 
_cell.entry_id           4RIL 
_cell.length_a           70.810 
_cell.length_b           4.820 
_cell.length_c           16.790 
_cell.angle_alpha        90.00 
_cell.angle_beta         105.68 
_cell.angle_gamma        90.00 
_cell.Z_PDB              4 
_cell.pdbx_unique_axis   ? 
_cell.length_a_esd       ? 
_cell.length_b_esd       ? 
_cell.length_c_esd       ? 
_cell.angle_alpha_esd    ? 
_cell.angle_beta_esd     ? 
_cell.angle_gamma_esd    ? 
# 
_symmetry.entry_id                         4RIL 
_symmetry.space_group_name_H-M             'C 1 2 1' 
_symmetry.pdbx_full_space_group_name_H-M   ? 
_symmetry.cell_setting                     ? 
_symmetry.Int_Tables_number                5 
_symmetry.space_group_name_Hall            ? 
# 
loop_
_entity.id 
_entity.type 
_entity.src_method 
_entity.pdbx_description 
_entity.formula_weight 
_entity.pdbx_number_of_molecules 
_entity.pdbx_ec 
_entity.pdbx_mutation 
_entity.pdbx_fragment 
_entity.details 
1 polymer syn Alpha-synuclein 944.083 1 ? ? ? ? 
2 water   nat water           18.015  2 ? ? ? ? 
# 
_entity_name_com.entity_id   1 
_entity_name_com.name        'Non-A beta component of AD amyloid, Non-A4 component of amyloid precursor, NACP' 
# 
_entity_poly.entity_id                      1 
_entity_poly.type                           'polypeptide(L)' 
_entity_poly.nstd_linkage                   no 
_entity_poly.nstd_monomer                   no 
_entity_poly.pdbx_seq_one_letter_code       GAVVTGVTAVA 
_entity_poly.pdbx_seq_one_letter_code_can   GAVVTGVTAVA 
_entity_poly.pdbx_strand_id                 A 
_entity_poly.pdbx_target_identifier         ? 
# 
loop_
_entity_poly_seq.entity_id 
_entity_poly_seq.num 
_entity_poly_seq.mon_id 
_entity_poly_seq.hetero 
1 1  GLY n 
1 2  ALA n 
1 3  VAL n 
1 4  VAL n 
1 5  THR n 
1 6  GLY n 
1 7  VAL n 
1 8  THR n 
1 9  ALA n 
1 10 VAL n 
1 11 ALA n 
# 
_pdbx_entity_src_syn.entity_id              1 
_pdbx_entity_src_syn.pdbx_src_id            1 
_pdbx_entity_src_syn.pdbx_alt_source_flag   sample 
_pdbx_entity_src_syn.pdbx_beg_seq_num       ? 
_pdbx_entity_src_syn.pdbx_end_seq_num       ? 
_pdbx_entity_src_syn.organism_scientific    'Homo sapiens' 
_pdbx_entity_src_syn.organism_common_name   human 
_pdbx_entity_src_syn.ncbi_taxonomy_id       9606 
_pdbx_entity_src_syn.details                'Synthetic peptide GAVVTGVTAVA corresponding to segment 68-78 of human alpha-synuclein' 
# 
_struct_ref.id                         1 
_struct_ref.db_name                    UNP 
_struct_ref.db_code                    SYUA_HUMAN 
_struct_ref.pdbx_db_accession          P37840 
_struct_ref.entity_id                  1 
_struct_ref.pdbx_seq_one_letter_code   GAVVTGVTAVA 
_struct_ref.pdbx_align_begin           68 
_struct_ref.pdbx_db_isoform            ? 
# 
_struct_ref_seq.align_id                      1 
_struct_ref_seq.ref_id                        1 
_struct_ref_seq.pdbx_PDB_id_code              4RIL 
_struct_ref_seq.pdbx_strand_id                A 
_struct_ref_seq.seq_align_beg                 1 
_struct_ref_seq.pdbx_seq_align_beg_ins_code   ? 
_struct_ref_seq.seq_align_end                 11 
_struct_ref_seq.pdbx_seq_align_end_ins_code   ? 
_struct_ref_seq.pdbx_db_accession             P37840 
_struct_ref_seq.db_align_beg                  68 
_struct_ref_seq.pdbx_db_align_beg_ins_code    ? 
_struct_ref_seq.db_align_end                  78 
_struct_ref_seq.pdbx_db_align_end_ins_code    ? 
_struct_ref_seq.pdbx_auth_seq_align_beg       68 
_struct_ref_seq.pdbx_auth_seq_align_end       78 
# 
loop_
_chem_comp.id 
_chem_comp.type 
_chem_comp.mon_nstd_flag 
_chem_comp.name 
_chem_comp.pdbx_synonyms 
_chem_comp.formula 
_chem_comp.formula_weight 
ALA 'L-peptide linking' y ALANINE   ? 'C3 H7 N O2'  89.093  
GLY 'peptide linking'   y GLYCINE   ? 'C2 H5 N O2'  75.067  
HOH non-polymer         . WATER     ? 'H2 O'        18.015  
THR 'L-peptide linking' y THREONINE ? 'C4 H9 N O3'  119.119 
VAL 'L-peptide linking' y VALINE    ? 'C5 H11 N O2' 117.146 
# 
_exptl.crystals_number   4 
_exptl.entry_id          4RIL 
_exptl.method            'ELECTRON CRYSTALLOGRAPHY' 
# 
_exptl_crystal.id                    1 
_exptl_crystal.density_Matthews      1.46 
_exptl_crystal.density_meas          ? 
_exptl_crystal.density_percent_sol   15.81 
_exptl_crystal.description           ? 
_exptl_crystal.F_000                 ? 
_exptl_crystal.preparation           ? 
# 
_exptl_crystal_grow.crystal_id      1 
_exptl_crystal_grow.method          'batch crystallization' 
_exptl_crystal_grow.pH              4.0 
_exptl_crystal_grow.temp            310 
_exptl_crystal_grow.pdbx_details    
;1 mg of synthetic peptide GAVVTGVTAVA was dissolved in 1 ml of sterile water and shaken overnight in an orbital mixing plate, pH 4.0, batch crystallization, temperature 310K
;
_exptl_crystal_grow.temp_details    ? 
_exptl_crystal_grow.pdbx_pH_range   ? 
# 
_diffrn.id                               1 
_diffrn.ambient_temp                     100 
_diffrn.ambient_temp_details             ? 
_diffrn.crystal_id                       1 
_diffrn.pdbx_serial_crystal_experiment   ? 
# 
_diffrn_detector.diffrn_id              1 
_diffrn_detector.detector               CMOS 
_diffrn_detector.type                   'TVIPS F416 CMOS CAMERA' 
_diffrn_detector.pdbx_collection_date   2014-08-28 
_diffrn_detector.details                ? 
# 
_diffrn_radiation.diffrn_id                        1 
_diffrn_radiation.pdbx_diffrn_protocol             'SINGLE WAVELENGTH' 
_diffrn_radiation.monochromator                    ? 
_diffrn_radiation.wavelength_id                    1 
_diffrn_radiation.pdbx_monochromatic_or_laue_m_l   M 
_diffrn_radiation.pdbx_scattering_type             electron 
# 
_diffrn_radiation_wavelength.id           1 
_diffrn_radiation_wavelength.wavelength   0.0251 
_diffrn_radiation_wavelength.wt           1.0 
# 
_diffrn_source.diffrn_id                   1 
_diffrn_source.source                      'ELECTRON MICROSCOPE' 
_diffrn_source.type                        'TECNAI F20 TEM' 
_diffrn_source.pdbx_wavelength_list        0.0251 
_diffrn_source.pdbx_wavelength             ? 
_diffrn_source.pdbx_synchrotron_site       ? 
_diffrn_source.pdbx_synchrotron_beamline   ? 
# 
_reflns.d_resolution_high            1.430 
_reflns.d_resolution_low             16.430 
_reflns.number_obs                   1073 
_reflns.pdbx_Rmerge_I_obs            0.175 
_reflns.pdbx_netI_over_sigmaI        5.500 
_reflns.pdbx_redundancy              4.400 
_reflns.percent_possible_obs         89.900 
_reflns.B_iso_Wilson_estimate        10.330 
_reflns.entry_id                     4RIL 
_reflns.observed_criterion_sigma_F   ? 
_reflns.observed_criterion_sigma_I   ? 
_reflns.number_all                   1073 
_reflns.pdbx_Rsym_value              ? 
_reflns.R_free_details               ? 
_reflns.limit_h_max                  ? 
_reflns.limit_h_min                  ? 
_reflns.limit_k_max                  ? 
_reflns.limit_k_min                  ? 
_reflns.limit_l_max                  ? 
_reflns.limit_l_min                  ? 
_reflns.observed_criterion_F_max     ? 
_reflns.observed_criterion_F_min     ? 
_reflns.pdbx_chi_squared             ? 
_reflns.pdbx_scaling_rejects         ? 
_reflns.pdbx_ordinal                 1 
_reflns.pdbx_diffrn_id               1 
# 
loop_
_reflns_shell.d_res_high 
_reflns_shell.d_res_low 
_reflns_shell.number_measured_obs 
_reflns_shell.number_measured_all 
_reflns_shell.number_unique_obs 
_reflns_shell.Rmerge_I_obs 
_reflns_shell.meanI_over_sigI_obs 
_reflns_shell.pdbx_Rsym_value 
_reflns_shell.pdbx_chi_squared 
_reflns_shell.pdbx_redundancy 
_reflns_shell.percent_possible_obs 
_reflns_shell.number_unique_all 
_reflns_shell.percent_possible_all 
_reflns_shell.pdbx_ordinal 
_reflns_shell.pdbx_diffrn_id 
1.430 1.600  ? 1245 ? 0.565 2.500  ? ? 4.400 ? 286 82.500 1 1 
3.200 16.430 ? 478  ? 0.080 13.000 ? ? 3.800 ? 126 94.000 2 1 
# 
_refine.entry_id                                 4RIL 
_refine.ls_d_res_high                            1.4300 
_refine.ls_d_res_low                             16.4300 
_refine.pdbx_ls_sigma_F                          0.000 
_refine.pdbx_data_cutoff_high_absF               ? 
_refine.pdbx_data_cutoff_low_absF                ? 
_refine.ls_percent_reflns_obs                    87.8800 
_refine.ls_number_reflns_obs                     1073 
_refine.ls_number_reflns_all                     1073 
_refine.pdbx_ls_cross_valid_method               THROUGHOUT 
_refine.pdbx_R_Free_selection_details            RANDOM 
_refine.details                                  ? 
_refine.ls_R_factor_all                          0.2512 
_refine.ls_R_factor_obs                          0.2512 
_refine.ls_R_factor_R_work                       0.2483 
_refine.ls_wR_factor_R_work                      ? 
_refine.ls_R_factor_R_free                       0.2750 
_refine.ls_wR_factor_R_free                      ? 
_refine.ls_percent_reflns_R_free                 11.8400 
_refine.ls_number_reflns_R_free                  127 
_refine.ls_R_factor_R_free_error                 ? 
_refine.B_iso_mean                               12.7500 
_refine.solvent_model_param_bsol                 ? 
_refine.solvent_model_param_ksol                 ? 
_refine.pdbx_isotropic_thermal_model             ? 
_refine.aniso_B[1][1]                            -3.9876 
_refine.aniso_B[2][2]                            3.4908 
_refine.aniso_B[3][3]                            0.4968 
_refine.aniso_B[1][2]                            0.0000 
_refine.aniso_B[1][3]                            -1.5509 
_refine.aniso_B[2][3]                            0.0000 
_refine.correlation_coeff_Fo_to_Fc               0.9126 
_refine.correlation_coeff_Fo_to_Fc_free          0.9002 
_refine.overall_SU_R_Cruickshank_DPI             0.1080 
_refine.overall_SU_R_free                        ? 
_refine.pdbx_overall_ESU_R                       ? 
_refine.pdbx_overall_ESU_R_Free                  ? 
_refine.overall_SU_ML                            ? 
_refine.overall_SU_B                             ? 
_refine.solvent_model_details                    ? 
_refine.pdbx_solvent_vdw_probe_radii             ? 
_refine.pdbx_solvent_ion_probe_radii             ? 
_refine.pdbx_solvent_shrinkage_radii             ? 
_refine.ls_number_parameters                     ? 
_refine.ls_number_restraints                     ? 
_refine.pdbx_starting_model                      4RIK 
_refine.pdbx_method_to_determine_struct          'MOLECULAR REPLACEMENT' 
_refine.pdbx_stereochemistry_target_values       ? 
_refine.pdbx_stereochem_target_val_spec_case     ? 
_refine.overall_FOM_work_R_set                   ? 
_refine.B_iso_max                                74.500 
_refine.B_iso_min                                3.000 
_refine.pdbx_overall_phase_error                 ? 
_refine.occupancy_max                            ? 
_refine.occupancy_min                            ? 
_refine.pdbx_ls_sigma_I                          ? 
_refine.ls_redundancy_reflns_obs                 ? 
_refine.ls_R_factor_R_free_error_details         ? 
_refine.pdbx_data_cutoff_high_rms_absF           ? 
_refine.overall_FOM_free_R_set                   ? 
_refine.pdbx_diffrn_id                           1 
_refine.pdbx_refine_id                           'ELECTRON CRYSTALLOGRAPHY' 
_refine.pdbx_TLS_residual_ADP_flag               ? 
_refine.pdbx_overall_SU_R_free_Cruickshank_DPI   ? 
_refine.pdbx_overall_SU_R_Blow_DPI               ? 
_refine.pdbx_overall_SU_R_free_Blow_DPI          ? 
# 
_refine_analyze.entry_id                        4RIL 
_refine_analyze.Luzzati_coordinate_error_obs    0.305 
_refine_analyze.Luzzati_sigma_a_obs             ? 
_refine_analyze.Luzzati_d_res_low_obs           ? 
_refine_analyze.Luzzati_coordinate_error_free   ? 
_refine_analyze.Luzzati_sigma_a_free            ? 
_refine_analyze.Luzzati_d_res_low_free          ? 
_refine_analyze.number_disordered_residues      ? 
_refine_analyze.occupancy_sum_non_hydrogen      ? 
_refine_analyze.occupancy_sum_hydrogen          ? 
_refine_analyze.pdbx_Luzzati_d_res_high_obs     ? 
_refine_analyze.pdbx_refine_id                  'ELECTRON CRYSTALLOGRAPHY' 
# 
_refine_hist.pdbx_refine_id                   'ELECTRON CRYSTALLOGRAPHY' 
_refine_hist.cycle_id                         LAST 
_refine_hist.pdbx_number_atoms_protein        66 
_refine_hist.pdbx_number_atoms_nucleic_acid   0 
_refine_hist.pdbx_number_atoms_ligand         0 
_refine_hist.number_atoms_solvent             2 
_refine_hist.number_atoms_total               68 
_refine_hist.d_res_high                       1.4300 
_refine_hist.d_res_low                        16.4300 
# 
loop_
_refine_ls_restr.type 
_refine_ls_restr.number 
_refine_ls_restr.dev_ideal 
_refine_ls_restr.dev_ideal_target 
_refine_ls_restr.weight 
_refine_ls_restr.pdbx_restraint_function 
_refine_ls_restr.pdbx_refine_id 
t_dihedral_angle_d        16 ?     ? 2.000  SINUSOIDAL   'ELECTRON CRYSTALLOGRAPHY' 
t_trig_c_planes           1  ?     ? 2.000  HARMONIC     'ELECTRON CRYSTALLOGRAPHY' 
t_gen_planes              10 ?     ? 5.000  HARMONIC     'ELECTRON CRYSTALLOGRAPHY' 
t_it                      65 ?     ? 20.000 HARMONIC     'ELECTRON CRYSTALLOGRAPHY' 
t_nbd                     ?  ?     ? ?      ?            'ELECTRON CRYSTALLOGRAPHY' 
t_improper_torsion        ?  ?     ? ?      ?            'ELECTRON CRYSTALLOGRAPHY' 
t_pseud_angle             ?  ?     ? ?      ?            'ELECTRON CRYSTALLOGRAPHY' 
t_chiral_improper_torsion 11 ?     ? 5.000  SEMIHARMONIC 'ELECTRON CRYSTALLOGRAPHY' 
t_sum_occupancies         ?  ?     ? ?      ?            'ELECTRON CRYSTALLOGRAPHY' 
t_utility_distance        ?  ?     ? ?      ?            'ELECTRON CRYSTALLOGRAPHY' 
t_utility_angle           ?  ?     ? ?      ?            'ELECTRON CRYSTALLOGRAPHY' 
t_utility_torsion         ?  ?     ? ?      ?            'ELECTRON CRYSTALLOGRAPHY' 
t_ideal_dist_contact      76 ?     ? 4.000  SEMIHARMONIC 'ELECTRON CRYSTALLOGRAPHY' 
t_bond_d                  65 0.010 ? 2.000  HARMONIC     'ELECTRON CRYSTALLOGRAPHY' 
t_angle_deg               90 1.650 ? 2.000  HARMONIC     'ELECTRON CRYSTALLOGRAPHY' 
t_omega_torsion           ?  4.080 ? ?      ?            'ELECTRON CRYSTALLOGRAPHY' 
t_other_torsion           ?  6.490 ? ?      ?            'ELECTRON CRYSTALLOGRAPHY' 
# 
_refine_ls_shell.d_res_high                       1.4300 
_refine_ls_shell.d_res_low                        1.6000 
_refine_ls_shell.pdbx_total_number_of_bins_used   5 
_refine_ls_shell.percent_reflns_obs               87.8800 
_refine_ls_shell.number_reflns_R_work             245 
_refine_ls_shell.R_factor_all                     0.2642 
_refine_ls_shell.R_factor_R_work                  0.2532 
_refine_ls_shell.R_factor_R_free                  0.3310 
_refine_ls_shell.percent_reflns_R_free            14.3400 
_refine_ls_shell.number_reflns_R_free             41 
_refine_ls_shell.R_factor_R_free_error            ? 
_refine_ls_shell.number_reflns_all                286 
_refine_ls_shell.number_reflns_obs                ? 
_refine_ls_shell.redundancy_reflns_obs            ? 
_refine_ls_shell.pdbx_refine_id                   'ELECTRON CRYSTALLOGRAPHY' 
# 
_struct.entry_id                  4RIL 
_struct.title                     
;Structure of the amyloid forming segment, GAVVTGVTAVA, from the NAC domain of Parkinson's disease protein alpha-synuclein, residues 68-78, determined by electron diffraction
;
_struct.pdbx_model_details        ? 
_struct.pdbx_CASP_flag            ? 
_struct.pdbx_model_type_details   ? 
# 
_struct_keywords.entry_id        4RIL 
_struct_keywords.text            
;Amyloid, alpha-synuclein, Parkinson's Disease, Toxic Core, NACore, Lipid Binding Protein
;
_struct_keywords.pdbx_keywords   'LIPID BINDING PROTEIN' 
# 
loop_
_struct_asym.id 
_struct_asym.pdbx_blank_PDB_chainid_flag 
_struct_asym.pdbx_modified 
_struct_asym.entity_id 
_struct_asym.details 
A N N 1 ? 
B N N 2 ? 
# 
_struct_biol.id        1 
_struct_biol.details   
;The biological unit is a pair of beta-sheets. One
sheet is composed of chain A and unit cell translations along the b dimension.
The other sheet is composed of the symmetry mate -x+1/2,y+1/2,-z, and unit
cell translations along b.
;
# 
_atom_sites.entry_id                    4RIL 
_atom_sites.fract_transf_matrix[1][1]   0.00083145 
_atom_sites.fract_transf_matrix[1][2]   -0.01378403 
_atom_sites.fract_transf_matrix[1][3]   0.00494503 
_atom_sites.fract_transf_matrix[2][1]   -0.13395549 
_atom_sites.fract_transf_matrix[2][2]   0.04627712 
_atom_sites.fract_transf_matrix[2][3]   0.15151812 
_atom_sites.fract_transf_matrix[3][1]   -0.04440744 
_atom_sites.fract_transf_matrix[3][2]   -0.03114103 
_atom_sites.fract_transf_matrix[3][3]   -0.02974894 
_atom_sites.fract_transf_vector[1]      0.235222 
_atom_sites.fract_transf_vector[2]      0.480781 
_atom_sites.fract_transf_vector[3]      0.251313 
# 
loop_
_atom_type.symbol 
C 
N 
O 
# 
loop_
_atom_site.group_PDB 
_atom_site.id 
_atom_site.type_symbol 
_atom_site.label_atom_id 
_atom_site.label_alt_id 
_atom_site.label_comp_id 
_atom_site.label_asym_id 
_atom_site.label_entity_id 
_atom_site.label_seq_id 
_atom_site.pdbx_PDB_ins_code 
_atom_site.Cartn_x 
_atom_site.Cartn_y 
_atom_site.Cartn_z 
_atom_site.occupancy 
_atom_site.B_iso_or_equiv 
_atom_site.pdbx_formal_charge 
_atom_site.auth_seq_id 
_atom_site.auth_comp_id 
_atom_site.auth_asym_id 
_atom_site.auth_atom_id 
_atom_site.pdbx_PDB_model_num 
ATOM   1  N N   . GLY A 1 1  ? -6.105 13.187  -9.446 1.00 23.58 ? 68  GLY A N   1 
ATOM   2  C CA  . GLY A 1 1  ? -5.215 13.538  -8.351 1.00 23.02 ? 68  GLY A CA  1 
ATOM   3  C C   . GLY A 1 1  ? -4.203 12.450  -8.088 1.00 21.89 ? 68  GLY A C   1 
ATOM   4  O O   . GLY A 1 1  ? -3.319 12.225  -8.916 1.00 20.14 ? 68  GLY A O   1 
ATOM   5  N N   . ALA A 1 2  ? -4.309 11.781  -6.931 1.00 16.28 ? 69  ALA A N   1 
ATOM   6  C CA  . ALA A 1 2  ? -3.356 10.728  -6.550 1.00 15.41 ? 69  ALA A CA  1 
ATOM   7  C C   . ALA A 1 2  ? -4.030 9.512   -5.901 1.00 12.05 ? 69  ALA A C   1 
ATOM   8  O O   . ALA A 1 2  ? -4.970 9.667   -5.122 1.00 10.77 ? 69  ALA A O   1 
ATOM   9  C CB  . ALA A 1 2  ? -2.266 11.296  -5.633 1.00 15.67 ? 69  ALA A CB  1 
ATOM   10 N N   . VAL A 1 3  ? -3.538 8.305   -6.229 1.00 5.98  ? 70  VAL A N   1 
ATOM   11 C CA  . VAL A 1 3  ? -3.991 7.024   -5.692 1.00 3.93  ? 70  VAL A CA  1 
ATOM   12 C C   . VAL A 1 3  ? -2.733 6.307   -5.188 1.00 5.93  ? 70  VAL A C   1 
ATOM   13 O O   . VAL A 1 3  ? -1.929 5.852   -6.002 1.00 6.66  ? 70  VAL A O   1 
ATOM   14 C CB  . VAL A 1 3  ? -4.800 6.173   -6.713 1.00 7.66  ? 70  VAL A CB  1 
ATOM   15 C CG1 . VAL A 1 3  ? -5.255 4.842   -6.098 1.00 6.70  ? 70  VAL A CG1 1 
ATOM   16 C CG2 . VAL A 1 3  ? -6.006 6.951   -7.191 1.00 6.73  ? 70  VAL A CG2 1 
ATOM   17 N N   . VAL A 1 4  ? -2.504 6.332   -3.868 1.00 3.26  ? 71  VAL A N   1 
ATOM   18 C CA  . VAL A 1 4  ? -1.300 5.784   -3.231 1.00 4.61  ? 71  VAL A CA  1 
ATOM   19 C C   . VAL A 1 4  ? -1.712 4.633   -2.346 1.00 4.32  ? 71  VAL A C   1 
ATOM   20 O O   . VAL A 1 4  ? -2.473 4.845   -1.399 1.00 3.00  ? 71  VAL A O   1 
ATOM   21 C CB  . VAL A 1 4  ? -0.570 6.875   -2.413 1.00 8.53  ? 71  VAL A CB  1 
ATOM   22 C CG1 . VAL A 1 4  ? 0.780  6.382   -1.867 1.00 9.58  ? 71  VAL A CG1 1 
ATOM   23 C CG2 . VAL A 1 4  ? -0.400 8.158   -3.217 1.00 9.20  ? 71  VAL A CG2 1 
ATOM   24 N N   . THR A 1 5  ? -1.192 3.444   -2.606 1.00 3.32  ? 72  THR A N   1 
ATOM   25 C CA  . THR A 1 5  ? -1.490 2.239   -1.853 1.00 3.88  ? 72  THR A CA  1 
ATOM   26 C C   . THR A 1 5  ? -0.191 1.542   -1.391 1.00 5.43  ? 72  THR A C   1 
ATOM   27 O O   . THR A 1 5  ? 0.658  1.242   -2.233 1.00 6.20  ? 72  THR A O   1 
ATOM   28 C CB  . THR A 1 5  ? -2.246 1.273   -2.739 1.00 6.84  ? 72  THR A CB  1 
ATOM   29 O OG1 . THR A 1 5  ? -3.390 1.922   -3.330 1.00 9.13  ? 72  THR A OG1 1 
ATOM   30 C CG2 . THR A 1 5  ? -2.624 -0.047  -2.023 1.00 10.98 ? 72  THR A CG2 1 
ATOM   31 N N   . GLY A 1 6  ? -0.090 1.238   -0.087 1.00 6.04  ? 73  GLY A N   1 
ATOM   32 C CA  . GLY A 1 6  ? 1.066  0.545   0.478  1.00 6.46  ? 73  GLY A CA  1 
ATOM   33 C C   . GLY A 1 6  ? 0.667  -0.663  1.300  1.00 7.38  ? 73  GLY A C   1 
ATOM   34 O O   . GLY A 1 6  ? -0.240 -0.570  2.123  1.00 6.32  ? 73  GLY A O   1 
ATOM   35 N N   . VAL A 1 7  ? 1.367  -1.787  1.133  1.00 4.11  ? 74  VAL A N   1 
ATOM   36 C CA  . VAL A 1 7  ? 1.097  -3.006  1.880  1.00 5.04  ? 74  VAL A CA  1 
ATOM   37 C C   . VAL A 1 7  ? 2.466  -3.477  2.438  1.00 4.68  ? 74  VAL A C   1 
ATOM   38 O O   . VAL A 1 7  ? 3.386  -3.651  1.646  1.00 5.69  ? 74  VAL A O   1 
ATOM   39 C CB  . VAL A 1 7  ? 0.494  -4.087  0.980  1.00 9.15  ? 74  VAL A CB  1 
ATOM   40 C CG1 . VAL A 1 7  ? 0.516  -5.445  1.672  1.00 9.39  ? 74  VAL A CG1 1 
ATOM   41 C CG2 . VAL A 1 7  ? -0.923 -3.714  0.474  1.00 9.75  ? 74  VAL A CG2 1 
ATOM   42 N N   . THR A 1 8  ? 2.572  -3.711  3.754  1.00 3.68  ? 75  THR A N   1 
ATOM   43 C CA  . THR A 1 8  ? 3.779  -4.251  4.436  1.00 4.35  ? 75  THR A CA  1 
ATOM   44 C C   . THR A 1 8  ? 3.301  -5.461  5.223  1.00 6.01  ? 75  THR A C   1 
ATOM   45 O O   . THR A 1 8  ? 2.455  -5.291  6.097  1.00 6.48  ? 75  THR A O   1 
ATOM   46 C CB  . THR A 1 8  ? 4.516  -3.181  5.209  1.00 12.43 ? 75  THR A CB  1 
ATOM   47 O OG1 . THR A 1 8  ? 4.779  -2.090  4.321  1.00 14.76 ? 75  THR A OG1 1 
ATOM   48 C CG2 . THR A 1 8  ? 5.853  -3.683  5.802  1.00 13.32 ? 75  THR A CG2 1 
ATOM   49 N N   . ALA A 1 9  ? 3.784  -6.668  4.916  1.00 7.04  ? 76  ALA A N   1 
ATOM   50 C CA  . ALA A 1 9  ? 3.255  -7.853  5.584  1.00 9.57  ? 76  ALA A CA  1 
ATOM   51 C C   . ALA A 1 9  ? 4.155  -9.052  5.797  1.00 11.59 ? 76  ALA A C   1 
ATOM   52 O O   . ALA A 1 9  ? 5.032  -9.349  4.991  1.00 8.18  ? 76  ALA A O   1 
ATOM   53 C CB  . ALA A 1 9  ? 1.991  -8.308  4.861  1.00 10.30 ? 76  ALA A CB  1 
ATOM   54 N N   . VAL A 1 10 ? 3.837  -9.805  6.837  1.00 10.58 ? 77  VAL A N   1 
ATOM   55 C CA  . VAL A 1 10 ? 4.420  -11.106 7.147  1.00 12.39 ? 77  VAL A CA  1 
ATOM   56 C C   . VAL A 1 10 ? 3.200  -12.005 7.266  1.00 18.51 ? 77  VAL A C   1 
ATOM   57 O O   . VAL A 1 10 ? 2.510  -11.961 8.279  1.00 16.08 ? 77  VAL A O   1 
ATOM   58 C CB  . VAL A 1 10 ? 5.298  -11.133 8.418  1.00 17.83 ? 77  VAL A CB  1 
ATOM   59 C CG1 . VAL A 1 10 ? 5.693  -12.568 8.770  1.00 18.89 ? 77  VAL A CG1 1 
ATOM   60 C CG2 . VAL A 1 10 ? 6.537  -10.254 8.245  1.00 17.39 ? 77  VAL A CG2 1 
ATOM   61 N N   . ALA A 1 11 ? 2.887  -12.748 6.198  1.00 17.81 ? 78  ALA A N   1 
ATOM   62 C CA  . ALA A 1 11 ? 1.735  -13.642 6.152  1.00 23.47 ? 78  ALA A CA  1 
ATOM   63 C C   . ALA A 1 11 ? 2.233  -15.063 6.124  1.00 51.68 ? 78  ALA A C   1 
ATOM   64 O O   . ALA A 1 11 ? 2.463  -15.605 5.025  1.00 58.63 ? 78  ALA A O   1 
ATOM   65 C CB  . ALA A 1 11 ? 0.898  -13.360 4.919  1.00 24.49 ? 78  ALA A CB  1 
ATOM   66 O OXT . ALA A 1 11 ? 2.504  -15.604 7.209  1.00 74.50 ? 78  ALA A OXT 1 
HETATM 67 O O   . HOH B 2 .  ? -5.376 3.821   -2.260 1.00 11.92 ? 101 HOH A O   1 
HETATM 68 O O   . HOH B 2 .  ? 2.515  -0.270  4.436  1.00 20.36 ? 102 HOH A O   1 
# 
loop_
_pdbx_poly_seq_scheme.asym_id 
_pdbx_poly_seq_scheme.entity_id 
_pdbx_poly_seq_scheme.seq_id 
_pdbx_poly_seq_scheme.mon_id 
_pdbx_poly_seq_scheme.ndb_seq_num 
_pdbx_poly_seq_scheme.pdb_seq_num 
_pdbx_poly_seq_scheme.auth_seq_num 
_pdbx_poly_seq_scheme.pdb_mon_id 
_pdbx_poly_seq_scheme.auth_mon_id 
_pdbx_poly_seq_scheme.pdb_strand_id 
_pdbx_poly_seq_scheme.pdb_ins_code 
_pdbx_poly_seq_scheme.hetero 
A 1 1  GLY 1  68 1  GLY GLY A . n 
A 1 2  ALA 2  69 2  ALA ALA A . n 
A 1 3  VAL 3  70 3  VAL VAL A . n 
A 1 4  VAL 4  71 4  VAL VAL A . n 
A 1 5  THR 5  72 5  THR THR A . n 
A 1 6  GLY 6  73 6  GLY GLY A . n 
A 1 7  VAL 7  74 7  VAL VAL A . n 
A 1 8  THR 8  75 8  THR THR A . n 
A 1 9  ALA 9  76 9  ALA ALA A . n 
A 1 10 VAL 10 77 10 VAL VAL A . n 
A 1 11 ALA 11 78 11 ALA ALA A . n 
# 
loop_
_pdbx_nonpoly_scheme.asym_id 
_pdbx_nonpoly_scheme.entity_id 
_pdbx_nonpoly_scheme.mon_id 
_pdbx_nonpoly_scheme.ndb_seq_num 
_pdbx_nonpoly_scheme.pdb_seq_num 
_pdbx_nonpoly_scheme.auth_seq_num 
_pdbx_nonpoly_scheme.pdb_mon_id 
_pdbx_nonpoly_scheme.auth_mon_id 
_pdbx_nonpoly_scheme.pdb_strand_id 
_pdbx_nonpoly_scheme.pdb_ins_code 
B 2 HOH 1 101 13 HOH HOH A . 
B 2 HOH 2 102 14 HOH HOH A . 
# 
_pdbx_struct_assembly.id                   1 
_pdbx_struct_assembly.details              author_defined_assembly 
_pdbx_struct_assembly.method_details       ? 
_pdbx_struct_assembly.oligomeric_details   decameric 
_pdbx_struct_assembly.oligomeric_count     10 
# 
_pdbx_struct_assembly_gen.assembly_id       1 
_pdbx_struct_assembly_gen.oper_expression   1,2,3,4,5,6,7,8,9,10 
_pdbx_struct_assembly_gen.asym_id_list      A,B 
# 
loop_
_pdbx_struct_oper_list.id 
_pdbx_struct_oper_list.type 
_pdbx_struct_oper_list.name 
_pdbx_struct_oper_list.symmetry_operation 
_pdbx_struct_oper_list.matrix[1][1] 
_pdbx_struct_oper_list.matrix[1][2] 
_pdbx_struct_oper_list.matrix[1][3] 
_pdbx_struct_oper_list.vector[1] 
_pdbx_struct_oper_list.matrix[2][1] 
_pdbx_struct_oper_list.matrix[2][2] 
_pdbx_struct_oper_list.matrix[2][3] 
_pdbx_struct_oper_list.vector[2] 
_pdbx_struct_oper_list.matrix[3][1] 
_pdbx_struct_oper_list.matrix[3][2] 
_pdbx_struct_oper_list.matrix[3][3] 
_pdbx_struct_oper_list.vector[3] 
1  'identity operation'         1_555 x,y,z           1.0000000000  0.0000000000  0.0000000000  0.0000000000  0.0000000000  1.0000000000  0.0000000000 0.0000000000  0.0000000000  0.0000000000 1.0000000000 0.0000000000  
2  'crystal symmetry operation' 1_535 x,y-2,z         1.0000000000  0.0000000000  0.0000000000  6.2242116561  0.0000000000  1.0000000000  0.0000000000 -2.1502557720 0.0000000000  0.0000000000 1.0000000000 -7.0402549226 
3  'crystal symmetry operation' 1_545 x,y-1,z         1.0000000000  0.0000000000  0.0000000000  3.1121058280  0.0000000000  1.0000000000  0.0000000000 -1.0751278860 0.0000000000  0.0000000000 1.0000000000 -3.5201274613 
4  'crystal symmetry operation' 1_565 x,y+1,z         1.0000000000  0.0000000000  0.0000000000  -3.1121058280 0.0000000000  1.0000000000  0.0000000000 1.0751278860  0.0000000000  0.0000000000 1.0000000000 3.5201274613  
5  'crystal symmetry operation' 1_575 x,y+2,z         1.0000000000  0.0000000000  0.0000000000  -6.2242116561 0.0000000000  1.0000000000  0.0000000000 2.1502557720  0.0000000000  0.0000000000 1.0000000000 7.0402549226  
6  'crystal symmetry operation' 4_535 -x+1/2,y-3/2,-z -0.1662331326 -0.2880384084 -0.9430802834 11.6394024498 -0.2880384084 -0.9004924182 0.3258025168 -1.1727668559 -0.9430802834 0.3258025168 0.0667255508 0.7486452063  
7  'crystal symmetry operation' 4_545 -x+1/2,y-1/2,-z -0.1662331326 -0.2880384084 -0.9430802834 8.5272966218  -0.2880384084 -0.9004924182 0.3258025168 -0.0976389699 -0.9430802834 0.3258025168 0.0667255508 4.2687726676  
8  'crystal symmetry operation' 4_555 -x+1/2,y+1/2,-z -0.1662331326 -0.2880384084 -0.9430802834 5.4151907937  -0.2880384084 -0.9004924182 0.3258025168 0.9774889161  -0.9430802834 0.3258025168 0.0667255508 7.7889001289  
9  'crystal symmetry operation' 4_565 -x+1/2,y+3/2,-z -0.1662331326 -0.2880384084 -0.9430802834 2.3030849657  -0.2880384084 -0.9004924182 0.3258025168 2.0526168021  -0.9430802834 0.3258025168 0.0667255508 11.3090275902 
10 'crystal symmetry operation' 4_575 -x+1/2,y+5/2,-z -0.1662331326 -0.2880384084 -0.9430802834 -0.8090208623 -0.2880384084 -0.9004924182 0.3258025168 3.1277446882  -0.9430802834 0.3258025168 0.0667255508 14.8291550515 
# 
loop_
_pdbx_audit_revision_history.ordinal 
_pdbx_audit_revision_history.data_content_type 
_pdbx_audit_revision_history.major_revision 
_pdbx_audit_revision_history.minor_revision 
_pdbx_audit_revision_history.revision_date 
1 'Structure model' 1 0 2015-08-26 
2 'Structure model' 1 1 2015-09-09 
3 'Structure model' 1 2 2015-09-23 
4 'Structure model' 1 3 2015-10-07 
5 'Structure model' 1 4 2018-04-25 
6 'Structure model' 1 5 2021-06-30 
7 'Structure model' 1 6 2023-09-20 
# 
_pdbx_audit_revision_details.ordinal             1 
_pdbx_audit_revision_details.revision_ordinal    1 
_pdbx_audit_revision_details.data_content_type   'Structure model' 
_pdbx_audit_revision_details.provider            repository 
_pdbx_audit_revision_details.type                'Initial release' 
_pdbx_audit_revision_details.description         ? 
_pdbx_audit_revision_details.details             ? 
# 
loop_
_pdbx_audit_revision_group.ordinal 
_pdbx_audit_revision_group.revision_ordinal 
_pdbx_audit_revision_group.data_content_type 
_pdbx_audit_revision_group.group 
1  2 'Structure model' 'Database references'        
2  3 'Structure model' 'Database references'        
3  4 'Structure model' 'Database references'        
4  5 'Structure model' 'Author supporting evidence' 
5  5 'Structure model' 'Data collection'            
6  5 'Structure model' 'Data processing'            
7  6 'Structure model' 'Data collection'            
8  7 'Structure model' 'Data collection'            
9  7 'Structure model' 'Database references'        
10 7 'Structure model' 'Refinement description'     
# 
loop_
_pdbx_audit_revision_category.ordinal 
_pdbx_audit_revision_category.revision_ordinal 
_pdbx_audit_revision_category.data_content_type 
_pdbx_audit_revision_category.category 
1 5 'Structure model' diffrn_source                 
2 5 'Structure model' em_3d_reconstruction          
3 5 'Structure model' em_image_scans                
4 5 'Structure model' em_single_particle_entity     
5 6 'Structure model' diffrn_detector               
6 7 'Structure model' chem_comp_atom                
7 7 'Structure model' chem_comp_bond                
8 7 'Structure model' database_2                    
9 7 'Structure model' pdbx_initial_refinement_model 
# 
loop_
_pdbx_audit_revision_item.ordinal 
_pdbx_audit_revision_item.revision_ordinal 
_pdbx_audit_revision_item.data_content_type 
_pdbx_audit_revision_item.item 
1 5 'Structure model' '_diffrn_source.source'               
2 6 'Structure model' '_diffrn_detector.detector'           
3 7 'Structure model' '_database_2.pdbx_DOI'                
4 7 'Structure model' '_database_2.pdbx_database_accession' 
# 
_pdbx_phasing_MR.entry_id                     4RIL 
_pdbx_phasing_MR.method_rotation              ? 
_pdbx_phasing_MR.method_translation           ? 
_pdbx_phasing_MR.model_details                'Phaser MODE: MR_AUTO' 
_pdbx_phasing_MR.R_factor                     ? 
_pdbx_phasing_MR.R_rigid_body                 ? 
_pdbx_phasing_MR.correlation_coeff_Fo_to_Fc   ? 
_pdbx_phasing_MR.correlation_coeff_Io_to_Ic   ? 
_pdbx_phasing_MR.d_res_high_rotation          ? 
_pdbx_phasing_MR.d_res_low_rotation           ? 
_pdbx_phasing_MR.d_res_high_translation       ? 
_pdbx_phasing_MR.d_res_low_translation        ? 
_pdbx_phasing_MR.packing                      ? 
_pdbx_phasing_MR.reflns_percent_rotation      ? 
_pdbx_phasing_MR.reflns_percent_translation   ? 
_pdbx_phasing_MR.sigma_F_rotation             ? 
_pdbx_phasing_MR.sigma_F_translation          ? 
_pdbx_phasing_MR.sigma_I_rotation             ? 
_pdbx_phasing_MR.sigma_I_translation          ? 
# 
_phasing.method   MR 
# 
loop_
_software.pdbx_ordinal 
_software.name 
_software.version 
_software.date 
_software.type 
_software.contact_author 
_software.contact_author_email 
_software.classification 
_software.location 
_software.language 
_software.citation_id 
1 Aimless     0.3.11          19/08/14                   program 'Phil Evans'      ?                                'data scaling' 
http://www.mrc-lmb.cam.ac.uk/harry/pre/aimless.html ?   ? 
2 PHASER      2.5.6           'Tue May 20 11:52:06 2014' program 'Randy J. Read'   cimr-phaser@lists.cam.ac.uk      phasing 
http://www-structmed.cimr.cam.ac.uk/phaser/         ?   ? 
3 BUSTER-TNT  'BUSTER 2.10.0' ?                          program 'Gerard Bricogne' buster-develop@GlobalPhasing.com refinement 
http://www.globalphasing.com/buster/                ?   ? 
4 PDB_EXTRACT 3.15            'July. 29, 2014'           package PDB               deposit@deposit.rcsb.org         
'data extraction' http://sw-tools.pdb.org/apps/PDB_EXTRACT/           C++ ? 
5 XDS         .               ?                          ?       ?                 ?                                
'data reduction'  ?                                                   ?   ? 
6 XSCALE      .               ?                          ?       ?                 ?                                'data scaling' 
?                                                   ?   ? 
7 BUSTER      .               ?                          ?       ?                 ?                                refinement ? ? 
? 
# 
_em_entity_assembly.id                   1 
_em_entity_assembly.name                 'amyloid forming segment GAVVTGVTAVA from the NAC domain of alpha-synuclein' 
_em_entity_assembly.parent_id            0 
_em_entity_assembly.source               . 
_em_entity_assembly.type                 COMPLEX 
_em_entity_assembly.details              ? 
_em_entity_assembly.entity_id_list       ? 
_em_entity_assembly.synonym              ? 
_em_entity_assembly.oligomeric_details   ? 
# 
_em_imaging.entry_id                        4RIL 
_em_imaging.id                              1 
_em_imaging.specimen_id                     1 
_em_imaging.accelerating_voltage            200 
_em_imaging.electron_source                 . 
_em_imaging.illumination_mode               'FLOOD BEAM' 
_em_imaging.mode                            DIFFRACTION 
_em_imaging.microscope_model                'FEI TECNAI F20' 
_em_imaging.calibrated_defocus_max          ? 
_em_imaging.alignment_procedure             ? 
_em_imaging.c2_aperture_diameter            ? 
_em_imaging.calibrated_defocus_min          ? 
_em_imaging.calibrated_magnification        ? 
_em_imaging.cryogen                         ? 
_em_imaging.details                         ? 
_em_imaging.nominal_cs                      ? 
_em_imaging.nominal_defocus_max             ? 
_em_imaging.nominal_defocus_min             ? 
_em_imaging.nominal_magnification           ? 
_em_imaging.residual_tilt                   ? 
_em_imaging.specimen_holder_model           'GATAN 626 SINGLE TILT LIQUID NITROGEN CRYO TRANSFER HOLDER' 
_em_imaging.recording_temperature_maximum   ? 
_em_imaging.recording_temperature_minimum   ? 
_em_imaging.citation_id                     ? 
_em_imaging.date                            ? 
_em_imaging.temperature                     ? 
_em_imaging.tilt_angle_min                  ? 
_em_imaging.tilt_angle_max                  ? 
_em_imaging.astigmatism                     ? 
_em_imaging.detector_distance               ? 
_em_imaging.electron_beam_tilt_params       ? 
_em_imaging.specimen_holder_type            ? 
# 
_em_vitrification.entry_id              4RIL 
_em_vitrification.id                    1 
_em_vitrification.specimen_id           1 
_em_vitrification.cryogen_name          ETHANE 
_em_vitrification.humidity              ? 
_em_vitrification.chamber_temperature   ? 
_em_vitrification.details               ? 
_em_vitrification.instrument            'FEI VITROBOT MARK IV' 
_em_vitrification.citation_id           ? 
_em_vitrification.method                ? 
_em_vitrification.temp                  ? 
_em_vitrification.time_resolved_state   ? 
# 
_em_experiment.entry_id                4RIL 
_em_experiment.id                      1 
_em_experiment.entity_assembly_id      1 
_em_experiment.reconstruction_method   CRYSTALLOGRAPHY 
_em_experiment.aggregation_state       '3D ARRAY' 
# 
loop_
_chem_comp_atom.comp_id 
_chem_comp_atom.atom_id 
_chem_comp_atom.type_symbol 
_chem_comp_atom.pdbx_aromatic_flag 
_chem_comp_atom.pdbx_stereo_config 
_chem_comp_atom.pdbx_ordinal 
ALA N    N N N 1  
ALA CA   C N S 2  
ALA C    C N N 3  
ALA O    O N N 4  
ALA CB   C N N 5  
ALA OXT  O N N 6  
ALA H    H N N 7  
ALA H2   H N N 8  
ALA HA   H N N 9  
ALA HB1  H N N 10 
ALA HB2  H N N 11 
ALA HB3  H N N 12 
ALA HXT  H N N 13 
GLY N    N N N 14 
GLY CA   C N N 15 
GLY C    C N N 16 
GLY O    O N N 17 
GLY OXT  O N N 18 
GLY H    H N N 19 
GLY H2   H N N 20 
GLY HA2  H N N 21 
GLY HA3  H N N 22 
GLY HXT  H N N 23 
HOH O    O N N 24 
HOH H1   H N N 25 
HOH H2   H N N 26 
THR N    N N N 27 
THR CA   C N S 28 
THR C    C N N 29 
THR O    O N N 30 
THR CB   C N R 31 
THR OG1  O N N 32 
THR CG2  C N N 33 
THR OXT  O N N 34 
THR H    H N N 35 
THR H2   H N N 36 
THR HA   H N N 37 
THR HB   H N N 38 
THR HG1  H N N 39 
THR HG21 H N N 40 
THR HG22 H N N 41 
THR HG23 H N N 42 
THR HXT  H N N 43 
VAL N    N N N 44 
VAL CA   C N S 45 
VAL C    C N N 46 
VAL O    O N N 47 
VAL CB   C N N 48 
VAL CG1  C N N 49 
VAL CG2  C N N 50 
VAL OXT  O N N 51 
VAL H    H N N 52 
VAL H2   H N N 53 
VAL HA   H N N 54 
VAL HB   H N N 55 
VAL HG11 H N N 56 
VAL HG12 H N N 57 
VAL HG13 H N N 58 
VAL HG21 H N N 59 
VAL HG22 H N N 60 
VAL HG23 H N N 61 
VAL HXT  H N N 62 
# 
loop_
_chem_comp_bond.comp_id 
_chem_comp_bond.atom_id_1 
_chem_comp_bond.atom_id_2 
_chem_comp_bond.value_order 
_chem_comp_bond.pdbx_aromatic_flag 
_chem_comp_bond.pdbx_stereo_config 
_chem_comp_bond.pdbx_ordinal 
ALA N   CA   sing N N 1  
ALA N   H    sing N N 2  
ALA N   H2   sing N N 3  
ALA CA  C    sing N N 4  
ALA CA  CB   sing N N 5  
ALA CA  HA   sing N N 6  
ALA C   O    doub N N 7  
ALA C   OXT  sing N N 8  
ALA CB  HB1  sing N N 9  
ALA CB  HB2  sing N N 10 
ALA CB  HB3  sing N N 11 
ALA OXT HXT  sing N N 12 
GLY N   CA   sing N N 13 
GLY N   H    sing N N 14 
GLY N   H2   sing N N 15 
GLY CA  C    sing N N 16 
GLY CA  HA2  sing N N 17 
GLY CA  HA3  sing N N 18 
GLY C   O    doub N N 19 
GLY C   OXT  sing N N 20 
GLY OXT HXT  sing N N 21 
HOH O   H1   sing N N 22 
HOH O   H2   sing N N 23 
THR N   CA   sing N N 24 
THR N   H    sing N N 25 
THR N   H2   sing N N 26 
THR CA  C    sing N N 27 
THR CA  CB   sing N N 28 
THR CA  HA   sing N N 29 
THR C   O    doub N N 30 
THR C   OXT  sing N N 31 
THR CB  OG1  sing N N 32 
THR CB  CG2  sing N N 33 
THR CB  HB   sing N N 34 
THR OG1 HG1  sing N N 35 
THR CG2 HG21 sing N N 36 
THR CG2 HG22 sing N N 37 
THR CG2 HG23 sing N N 38 
THR OXT HXT  sing N N 39 
VAL N   CA   sing N N 40 
VAL N   H    sing N N 41 
VAL N   H2   sing N N 42 
VAL CA  C    sing N N 43 
VAL CA  CB   sing N N 44 
VAL CA  HA   sing N N 45 
VAL C   O    doub N N 46 
VAL C   OXT  sing N N 47 
VAL CB  CG1  sing N N 48 
VAL CB  CG2  sing N N 49 
VAL CB  HB   sing N N 50 
VAL CG1 HG11 sing N N 51 
VAL CG1 HG12 sing N N 52 
VAL CG1 HG13 sing N N 53 
VAL CG2 HG21 sing N N 54 
VAL CG2 HG22 sing N N 55 
VAL CG2 HG23 sing N N 56 
VAL OXT HXT  sing N N 57 
# 
_em_image_recording.id                            1 
_em_image_recording.imaging_id                    1 
_em_image_recording.film_or_detector_model        'TVIPS TEMCAM-F416 (4k x 4k)' 
_em_image_recording.avg_electron_dose_per_image   .35 
_em_image_recording.average_exposure_time         3.5 
_em_image_recording.details                       ? 
_em_image_recording.num_grids_imaged              ? 
_em_image_recording.num_diffraction_images        ? 
_em_image_recording.num_real_images               ? 
_em_image_recording.detector_mode                 ? 
# 
_em_specimen.experiment_id           1 
_em_specimen.id                      1 
_em_specimen.concentration           . 
_em_specimen.vitrification_applied   YES 
_em_specimen.staining_applied        NO 
_em_specimen.embedding_applied       NO 
_em_specimen.shadowing_applied       NO 
_em_specimen.details                 . 
# 
_pdbx_entity_nonpoly.entity_id   2 
_pdbx_entity_nonpoly.name        water 
_pdbx_entity_nonpoly.comp_id     HOH 
# 
_pdbx_initial_refinement_model.id               1 
_pdbx_initial_refinement_model.entity_id_list   ? 
_pdbx_initial_refinement_model.type             'experimental model' 
_pdbx_initial_refinement_model.source_name      PDB 
_pdbx_initial_refinement_model.accession_code   4RIK 
_pdbx_initial_refinement_model.details          ? 
# 
